data_7DB5
#
_entry.id   7DB5
#
_cell.length_a   163.916
_cell.length_b   163.916
_cell.length_c   58.712
_cell.angle_alpha   90.000
_cell.angle_beta   90.000
_cell.angle_gamma   120.000
#
_symmetry.space_group_name_H-M   'P 63'
#
loop_
_entity.id
_entity.type
_entity.pdbx_description
1 polymer Alpha-L-fucosidase
2 non-polymer GLYCEROL
3 non-polymer 'PHOSPHATE ION'
4 water water
#
_entity_poly.entity_id   1
_entity_poly.type   'polypeptide(L)'
_entity_poly.pdbx_seq_one_letter_code
;(MSE)TKPTAGELTGTSSQATSQLDNRNAFTGVSKQGLNRWKKNTFG(MSE)FIHWGLYCHRDLAGYYQGQYYDIISEWL
PHFARIP(MSE)RDYKEYASDFNPSEFDADQVTALAKTAG(MSE)NY(MSE)VVTAKHHDGFA(MSE)YHSPSHPFNITD
ATPFKRDPVAELSQSCRHKDLDFGLYYSHVIDWENENAVSKAPNDWDFNPDQANYQEYWNNKCLPQVNELLEQYGDLCSL
WFD(MSE)GGFDVQEEADHVRRIGEL(MSE)ALIRKKQPDAVVNSRVTAPECEYQLDWDIKTGHDNY(MSE)EPLYIKPY
YWEGIATSNDNWGYSRNDNNTKSSKDLINQLCSVVSRGGNFLLNITLDHNGRIPQSLVRLLSEIGQW(MSE)QVNQEAVI
DTEATPLQTGFNWGVVTHRPATNKLYLHVQRQPEQNVICLHSLNNRIKQVRLLDNQIKGHVSYLQKTHTDTGITASTLNL
QLGHNYDR(MSE)PLVIELEYDGELDINPIVHQDRLAKVRLDTLNIAHFDPEKLTYRWTFQIQSPGRFALDLVSLET
(MSE)HHKDPQWVHNGKTGRISCGGQSWEFELNLDKTDTNDAQVPWKNIHSRLGELHFPQAGEYTLEFSELPLAIDQSEK
YGQDYINLEYLQLGPRLALEHHHHHHH
;
_entity_poly.pdbx_strand_id   A
#
loop_
_chem_comp.id
_chem_comp.type
_chem_comp.name
_chem_comp.formula
GOL non-polymer GLYCEROL 'C3 H8 O3'
PO4 non-polymer 'PHOSPHATE ION' 'O4 P -3'
#
# COMPACT_ATOMS: atom_id res chain seq x y z
N ASN A 22 -2.03 22.50 -2.58
CA ASN A 22 -2.77 23.40 -3.52
C ASN A 22 -4.02 22.68 -4.06
N ARG A 23 -4.50 21.65 -3.37
CA ARG A 23 -5.78 20.96 -3.73
C ARG A 23 -6.94 21.97 -3.80
N ASN A 24 -6.92 23.00 -2.96
CA ASN A 24 -8.01 24.01 -2.84
C ASN A 24 -8.08 24.86 -4.12
N ALA A 25 -7.01 24.91 -4.92
CA ALA A 25 -6.94 25.65 -6.21
C ALA A 25 -7.67 24.93 -7.33
N PHE A 26 -8.22 23.73 -7.13
CA PHE A 26 -8.88 22.93 -8.18
C PHE A 26 -10.26 22.60 -7.66
N THR A 27 -11.16 22.16 -8.53
CA THR A 27 -12.54 21.75 -8.17
C THR A 27 -12.47 20.70 -7.07
N GLY A 28 -11.77 19.60 -7.36
CA GLY A 28 -11.67 18.45 -6.45
C GLY A 28 -12.95 17.65 -6.35
N VAL A 29 -12.78 16.45 -5.82
CA VAL A 29 -13.94 15.61 -5.45
C VAL A 29 -14.79 16.40 -4.45
N SER A 30 -16.08 16.11 -4.40
CA SER A 30 -17.03 16.60 -3.37
C SER A 30 -16.53 16.24 -1.96
N LYS A 31 -16.85 17.05 -0.97
CA LYS A 31 -16.61 16.67 0.43
C LYS A 31 -17.21 15.29 0.72
N GLN A 32 -18.46 15.01 0.32
CA GLN A 32 -19.12 13.73 0.72
C GLN A 32 -18.38 12.57 0.05
N GLY A 33 -17.86 12.78 -1.17
CA GLY A 33 -17.08 11.74 -1.88
C GLY A 33 -15.77 11.42 -1.17
N LEU A 34 -15.05 12.43 -0.70
CA LEU A 34 -13.78 12.20 0.05
C LEU A 34 -14.08 11.54 1.38
N ASN A 35 -15.15 11.95 2.09
CA ASN A 35 -15.50 11.40 3.43
C ASN A 35 -15.89 9.93 3.31
N ARG A 36 -16.58 9.55 2.24
CA ARG A 36 -16.96 8.16 1.93
C ARG A 36 -15.68 7.30 1.77
N TRP A 37 -14.71 7.79 1.01
CA TRP A 37 -13.41 7.12 0.77
C TRP A 37 -12.62 6.97 2.09
N LYS A 38 -12.52 8.03 2.90
CA LYS A 38 -11.88 7.96 4.23
C LYS A 38 -12.51 6.89 5.09
N LYS A 39 -13.84 6.86 5.20
CA LYS A 39 -14.53 5.90 6.07
C LYS A 39 -14.35 4.47 5.52
N ASN A 40 -14.45 4.32 4.20
CA ASN A 40 -14.36 2.99 3.52
C ASN A 40 -13.05 2.29 3.89
N THR A 41 -11.91 2.99 3.75
CA THR A 41 -10.56 2.51 4.22
C THR A 41 -9.93 1.43 3.33
N PHE A 42 -10.62 0.29 3.13
CA PHE A 42 -10.09 -0.97 2.59
C PHE A 42 -11.00 -1.38 1.43
N GLY A 43 -10.37 -1.61 0.30
CA GLY A 43 -11.02 -1.96 -0.96
C GLY A 43 -10.37 -3.10 -1.70
N MSE A 44 -11.15 -3.58 -2.68
CA MSE A 44 -10.71 -4.55 -3.66
C MSE A 44 -10.35 -3.85 -4.94
O MSE A 44 -11.07 -2.95 -5.40
CB MSE A 44 -11.82 -5.52 -4.00
CG MSE A 44 -11.43 -6.43 -5.11
SE MSE A 44 -12.90 -7.67 -5.27
CE MSE A 44 -12.77 -9.02 -3.88
N PHE A 45 -9.26 -4.32 -5.56
CA PHE A 45 -8.97 -3.99 -6.95
C PHE A 45 -9.18 -5.26 -7.76
N ILE A 46 -9.70 -5.14 -8.98
CA ILE A 46 -9.79 -6.30 -9.90
C ILE A 46 -9.11 -5.93 -11.19
N HIS A 47 -8.04 -6.67 -11.50
CA HIS A 47 -7.41 -6.72 -12.83
C HIS A 47 -7.97 -7.95 -13.53
N TRP A 48 -8.66 -7.72 -14.64
CA TRP A 48 -9.17 -8.85 -15.45
C TRP A 48 -9.33 -8.36 -16.90
N GLY A 49 -8.85 -9.16 -17.83
CA GLY A 49 -9.04 -8.88 -19.24
C GLY A 49 -8.74 -10.09 -20.11
N LEU A 50 -8.71 -9.81 -21.41
CA LEU A 50 -8.48 -10.80 -22.47
C LEU A 50 -7.10 -11.40 -22.24
N TYR A 51 -6.20 -10.67 -21.55
CA TYR A 51 -4.83 -11.17 -21.25
C TYR A 51 -4.90 -12.37 -20.29
N CYS A 52 -6.09 -12.67 -19.72
CA CYS A 52 -6.36 -13.81 -18.82
C CYS A 52 -6.87 -15.02 -19.62
N HIS A 53 -6.87 -14.91 -20.95
CA HIS A 53 -7.29 -16.00 -21.87
C HIS A 53 -6.64 -17.32 -21.48
N ARG A 54 -7.38 -18.37 -21.74
CA ARG A 54 -6.90 -19.72 -21.59
C ARG A 54 -5.50 -19.96 -22.23
N ASP A 55 -5.26 -19.38 -23.40
CA ASP A 55 -4.01 -19.54 -24.18
C ASP A 55 -3.04 -18.37 -23.94
N LEU A 56 -3.37 -17.49 -22.99
CA LEU A 56 -2.48 -16.36 -22.63
C LEU A 56 -2.15 -16.48 -21.09
N ALA A 57 -2.56 -15.54 -20.29
CA ALA A 57 -2.33 -15.57 -18.83
C ALA A 57 -0.84 -15.84 -18.59
N GLY A 58 0.02 -15.15 -19.33
CA GLY A 58 1.48 -15.18 -19.12
C GLY A 58 2.19 -16.18 -20.03
N TYR A 59 1.42 -16.96 -20.84
CA TYR A 59 1.94 -17.82 -21.90
C TYR A 59 1.59 -17.19 -23.24
N TYR A 60 2.46 -17.42 -24.22
CA TYR A 60 2.12 -17.14 -25.63
C TYR A 60 2.69 -18.23 -26.53
N GLN A 61 1.80 -18.80 -27.33
CA GLN A 61 2.08 -19.90 -28.26
C GLN A 61 2.77 -21.02 -27.47
N GLY A 62 2.32 -21.27 -26.24
CA GLY A 62 2.71 -22.46 -25.48
C GLY A 62 3.95 -22.21 -24.67
N GLN A 63 4.48 -20.99 -24.69
CA GLN A 63 5.73 -20.65 -23.98
C GLN A 63 5.40 -19.72 -22.80
N TYR A 64 6.04 -19.99 -21.68
CA TYR A 64 5.93 -19.17 -20.46
C TYR A 64 6.82 -17.94 -20.64
N TYR A 65 6.29 -16.77 -20.32
CA TYR A 65 7.06 -15.52 -20.28
C TYR A 65 7.03 -14.96 -18.84
N ASP A 66 8.19 -14.54 -18.32
CA ASP A 66 8.26 -14.00 -16.93
C ASP A 66 7.85 -12.52 -16.99
N ILE A 67 6.55 -12.26 -17.00
CA ILE A 67 5.98 -10.90 -17.20
C ILE A 67 4.60 -10.94 -16.55
N ILE A 68 4.14 -9.81 -16.05
CA ILE A 68 2.75 -9.73 -15.57
C ILE A 68 1.84 -9.88 -16.79
N SER A 69 0.69 -10.52 -16.61
CA SER A 69 -0.19 -10.91 -17.75
C SER A 69 -0.55 -9.71 -18.60
N GLU A 70 -0.80 -8.57 -17.96
CA GLU A 70 -1.24 -7.35 -18.63
C GLU A 70 -0.22 -6.91 -19.66
N TRP A 71 1.07 -7.15 -19.41
CA TRP A 71 2.16 -6.68 -20.27
C TRP A 71 2.57 -7.75 -21.29
N LEU A 72 2.02 -8.96 -21.24
CA LEU A 72 2.43 -10.01 -22.21
C LEU A 72 2.26 -9.53 -23.67
N PRO A 73 1.16 -8.85 -24.06
CA PRO A 73 1.02 -8.40 -25.46
C PRO A 73 2.17 -7.51 -25.92
N HIS A 74 2.71 -6.70 -25.01
CA HIS A 74 3.81 -5.75 -25.28
C HIS A 74 5.14 -6.53 -25.24
N PHE A 75 5.34 -7.40 -24.25
CA PHE A 75 6.62 -8.12 -24.06
C PHE A 75 6.83 -9.07 -25.23
N ALA A 76 5.78 -9.81 -25.60
CA ALA A 76 5.80 -10.80 -26.69
C ALA A 76 5.42 -10.15 -28.02
N ARG A 77 5.11 -8.85 -28.02
CA ARG A 77 4.87 -8.08 -29.26
C ARG A 77 3.83 -8.85 -30.10
N ILE A 78 2.68 -9.14 -29.52
CA ILE A 78 1.59 -9.90 -30.22
C ILE A 78 0.89 -8.97 -31.21
N PRO A 79 0.97 -9.24 -32.55
CA PRO A 79 0.26 -8.40 -33.52
C PRO A 79 -1.22 -8.32 -33.12
N MSE A 80 -1.75 -7.09 -33.18
CA MSE A 80 -3.11 -6.84 -32.78
C MSE A 80 -4.07 -7.66 -33.63
O MSE A 80 -5.11 -8.10 -33.10
CB MSE A 80 -3.39 -5.36 -32.87
CG MSE A 80 -2.92 -4.62 -31.68
SE MSE A 80 -4.14 -5.11 -30.18
CE MSE A 80 -2.87 -5.05 -28.66
N ARG A 81 -3.85 -7.83 -34.94
CA ARG A 81 -4.71 -8.72 -35.71
C ARG A 81 -4.80 -10.10 -35.05
N ASP A 82 -3.69 -10.65 -34.54
CA ASP A 82 -3.68 -11.96 -33.85
C ASP A 82 -4.27 -11.82 -32.44
N TYR A 83 -3.87 -10.81 -31.70
CA TYR A 83 -4.38 -10.61 -30.30
C TYR A 83 -5.91 -10.56 -30.30
N LYS A 84 -6.49 -9.78 -31.22
CA LYS A 84 -7.97 -9.64 -31.30
C LYS A 84 -8.65 -10.98 -31.59
N GLU A 85 -7.98 -11.90 -32.27
CA GLU A 85 -8.54 -13.26 -32.55
C GLU A 85 -8.79 -14.02 -31.25
N TYR A 86 -8.05 -13.76 -30.16
CA TYR A 86 -8.32 -14.44 -28.86
C TYR A 86 -9.72 -14.10 -28.31
N ALA A 87 -10.28 -12.95 -28.66
CA ALA A 87 -11.60 -12.53 -28.18
C ALA A 87 -12.66 -13.54 -28.65
N SER A 88 -12.45 -14.19 -29.81
CA SER A 88 -13.49 -15.01 -30.47
CA SER A 88 -13.49 -15.02 -30.49
C SER A 88 -13.79 -16.28 -29.68
N ASP A 89 -12.87 -16.72 -28.81
CA ASP A 89 -13.20 -17.85 -27.90
C ASP A 89 -12.91 -17.49 -26.42
N PHE A 90 -13.02 -16.23 -26.09
CA PHE A 90 -12.94 -15.79 -24.67
C PHE A 90 -14.38 -15.85 -24.17
N ASN A 91 -14.69 -16.81 -23.34
CA ASN A 91 -16.06 -16.92 -22.79
C ASN A 91 -16.00 -17.28 -21.31
N PRO A 92 -15.85 -16.28 -20.43
CA PRO A 92 -15.81 -16.56 -18.99
C PRO A 92 -17.24 -16.78 -18.45
N SER A 93 -17.76 -17.95 -18.82
CA SER A 93 -19.18 -18.39 -18.69
C SER A 93 -19.58 -18.59 -17.22
N GLU A 94 -18.63 -18.75 -16.29
CA GLU A 94 -18.98 -18.90 -14.85
C GLU A 94 -18.88 -17.57 -14.09
N PHE A 95 -18.65 -16.47 -14.76
CA PHE A 95 -18.62 -15.14 -14.13
C PHE A 95 -19.92 -14.92 -13.37
N ASP A 96 -19.80 -14.48 -12.11
CA ASP A 96 -20.96 -14.25 -11.24
C ASP A 96 -20.62 -13.03 -10.39
N ALA A 97 -21.21 -11.89 -10.74
CA ALA A 97 -20.97 -10.57 -10.12
C ALA A 97 -21.34 -10.67 -8.65
N ASP A 98 -22.41 -11.41 -8.33
CA ASP A 98 -22.86 -11.52 -6.90
C ASP A 98 -21.78 -12.28 -6.09
N GLN A 99 -21.19 -13.35 -6.64
CA GLN A 99 -20.09 -14.10 -6.01
C GLN A 99 -18.91 -13.13 -5.76
N VAL A 100 -18.58 -12.26 -6.71
CA VAL A 100 -17.40 -11.35 -6.59
C VAL A 100 -17.66 -10.30 -5.49
N THR A 101 -18.83 -9.67 -5.48
CA THR A 101 -19.17 -8.61 -4.51
C THR A 101 -19.33 -9.29 -3.15
N ALA A 102 -19.89 -10.51 -3.08
CA ALA A 102 -20.04 -11.21 -1.78
C ALA A 102 -18.63 -11.50 -1.20
N LEU A 103 -17.66 -11.83 -2.03
CA LEU A 103 -16.29 -12.11 -1.55
C LEU A 103 -15.65 -10.80 -1.07
N ALA A 104 -15.84 -9.68 -1.76
CA ALA A 104 -15.39 -8.37 -1.26
C ALA A 104 -15.98 -8.08 0.12
N LYS A 105 -17.29 -8.26 0.27
CA LYS A 105 -18.00 -8.01 1.56
C LYS A 105 -17.53 -8.99 2.65
N THR A 106 -17.39 -10.28 2.36
CA THR A 106 -16.80 -11.32 3.24
C THR A 106 -15.45 -10.84 3.77
N ALA A 107 -14.61 -10.25 2.92
CA ALA A 107 -13.24 -9.85 3.31
C ALA A 107 -13.23 -8.64 4.19
N GLY A 108 -14.38 -7.95 4.32
CA GLY A 108 -14.51 -6.70 5.07
C GLY A 108 -14.09 -5.47 4.27
N MSE A 109 -14.08 -5.59 2.93
CA MSE A 109 -13.81 -4.45 2.07
C MSE A 109 -15.09 -3.64 1.86
O MSE A 109 -16.18 -4.19 1.85
CB MSE A 109 -13.27 -4.92 0.72
CG MSE A 109 -11.91 -5.51 0.84
SE MSE A 109 -11.70 -6.83 -0.61
CE MSE A 109 -9.75 -7.16 -0.55
N ASN A 110 -14.91 -2.35 1.59
CA ASN A 110 -16.03 -1.41 1.51
C ASN A 110 -16.10 -0.74 0.14
N TYR A 111 -15.13 -0.97 -0.77
CA TYR A 111 -15.18 -0.46 -2.16
C TYR A 111 -14.43 -1.43 -3.06
N MSE A 112 -14.79 -1.37 -4.35
CA MSE A 112 -14.10 -2.16 -5.37
C MSE A 112 -13.87 -1.30 -6.60
O MSE A 112 -14.71 -0.50 -7.01
CB MSE A 112 -14.87 -3.44 -5.70
CG MSE A 112 -16.07 -3.29 -6.49
SE MSE A 112 -16.31 -5.00 -7.45
CE MSE A 112 -16.57 -6.45 -6.14
N VAL A 113 -12.69 -1.49 -7.18
CA VAL A 113 -12.27 -0.76 -8.35
C VAL A 113 -11.91 -1.81 -9.40
N VAL A 114 -12.44 -1.70 -10.60
CA VAL A 114 -12.29 -2.74 -11.65
C VAL A 114 -11.67 -2.14 -12.91
N THR A 115 -10.79 -2.90 -13.55
CA THR A 115 -10.19 -2.48 -14.83
C THR A 115 -11.28 -2.52 -15.94
N ALA A 116 -11.70 -1.36 -16.43
CA ALA A 116 -12.59 -1.22 -17.60
C ALA A 116 -11.83 -1.37 -18.91
N LYS A 117 -10.59 -0.88 -18.98
CA LYS A 117 -9.70 -1.04 -20.15
C LYS A 117 -8.26 -0.86 -19.68
N HIS A 118 -7.43 -1.86 -19.97
CA HIS A 118 -6.01 -1.84 -19.56
C HIS A 118 -5.21 -1.44 -20.81
N HIS A 119 -3.90 -1.49 -20.71
CA HIS A 119 -2.98 -1.08 -21.80
C HIS A 119 -3.28 -1.83 -23.12
N ASP A 120 -3.74 -3.08 -23.07
CA ASP A 120 -4.07 -3.86 -24.29
C ASP A 120 -5.22 -3.23 -25.09
N GLY A 121 -5.88 -2.19 -24.60
CA GLY A 121 -6.95 -1.45 -25.29
C GLY A 121 -8.29 -2.17 -25.37
N PHE A 122 -8.46 -3.31 -24.69
CA PHE A 122 -9.70 -4.12 -24.71
C PHE A 122 -10.67 -3.67 -23.64
N ALA A 123 -11.89 -3.27 -24.04
CA ALA A 123 -12.93 -2.81 -23.10
C ALA A 123 -13.58 -4.02 -22.46
N MSE A 124 -13.57 -4.08 -21.11
CA MSE A 124 -14.23 -5.12 -20.35
C MSE A 124 -15.65 -4.68 -19.95
O MSE A 124 -16.19 -5.09 -18.92
CB MSE A 124 -13.37 -5.46 -19.14
CG MSE A 124 -12.02 -5.98 -19.56
SE MSE A 124 -12.42 -7.78 -20.15
CE MSE A 124 -12.98 -8.68 -18.48
N TYR A 125 -16.23 -3.87 -20.83
CA TYR A 125 -17.59 -3.39 -20.65
C TYR A 125 -18.18 -3.14 -22.05
N HIS A 126 -19.50 -2.92 -22.15
CA HIS A 126 -20.14 -2.65 -23.47
C HIS A 126 -19.80 -1.21 -23.87
N SER A 127 -18.86 -1.04 -24.80
CA SER A 127 -18.45 0.27 -25.36
C SER A 127 -19.18 0.54 -26.68
N PRO A 128 -20.21 1.39 -26.70
CA PRO A 128 -20.88 1.76 -27.96
C PRO A 128 -19.96 2.29 -29.05
N SER A 129 -18.90 3.01 -28.66
CA SER A 129 -17.99 3.76 -29.57
C SER A 129 -16.92 2.84 -30.16
N HIS A 130 -16.66 1.68 -29.57
CA HIS A 130 -15.50 0.82 -29.97
C HIS A 130 -15.89 -0.65 -29.98
N PRO A 131 -15.68 -1.36 -31.11
CA PRO A 131 -16.08 -2.77 -31.19
C PRO A 131 -15.17 -3.74 -30.39
N PHE A 132 -13.97 -3.31 -30.04
CA PHE A 132 -13.04 -4.19 -29.30
C PHE A 132 -13.46 -4.19 -27.82
N ASN A 133 -14.50 -4.94 -27.48
CA ASN A 133 -15.13 -4.87 -26.13
C ASN A 133 -15.71 -6.24 -25.89
N ILE A 134 -15.79 -6.63 -24.63
CA ILE A 134 -16.11 -8.05 -24.30
C ILE A 134 -17.55 -8.38 -24.71
N THR A 135 -18.44 -7.41 -24.70
CA THR A 135 -19.88 -7.69 -24.98
C THR A 135 -20.07 -8.01 -26.49
N ASP A 136 -19.41 -7.26 -27.36
CA ASP A 136 -19.59 -7.32 -28.86
C ASP A 136 -18.65 -8.35 -29.48
N ALA A 137 -17.39 -8.43 -29.01
CA ALA A 137 -16.30 -9.15 -29.68
C ALA A 137 -16.17 -10.59 -29.18
N THR A 138 -16.83 -11.00 -28.09
CA THR A 138 -16.69 -12.37 -27.54
C THR A 138 -18.03 -13.08 -27.46
N PRO A 139 -17.99 -14.42 -27.35
CA PRO A 139 -19.16 -15.24 -27.03
C PRO A 139 -19.73 -15.05 -25.62
N PHE A 140 -19.03 -14.29 -24.76
CA PHE A 140 -19.56 -13.91 -23.43
C PHE A 140 -20.89 -13.16 -23.60
N LYS A 141 -20.96 -12.15 -24.48
CA LYS A 141 -22.18 -11.37 -24.83
C LYS A 141 -22.85 -10.75 -23.59
N ARG A 142 -22.02 -10.23 -22.69
CA ARG A 142 -22.42 -9.77 -21.34
C ARG A 142 -21.47 -8.63 -21.01
N ASP A 143 -21.89 -7.74 -20.11
CA ASP A 143 -21.13 -6.55 -19.67
C ASP A 143 -20.81 -6.81 -18.19
N PRO A 144 -19.59 -7.30 -17.87
CA PRO A 144 -19.27 -7.63 -16.48
C PRO A 144 -19.20 -6.39 -15.60
N VAL A 145 -18.84 -5.24 -16.15
CA VAL A 145 -18.84 -3.96 -15.40
C VAL A 145 -20.29 -3.60 -15.02
N ALA A 146 -21.24 -3.83 -15.93
CA ALA A 146 -22.67 -3.57 -15.64
C ALA A 146 -23.10 -4.49 -14.51
N GLU A 147 -22.73 -5.76 -14.57
CA GLU A 147 -23.20 -6.77 -13.60
C GLU A 147 -22.61 -6.45 -12.21
N LEU A 148 -21.33 -6.04 -12.17
CA LEU A 148 -20.66 -5.69 -10.90
C LEU A 148 -21.28 -4.41 -10.35
N SER A 149 -21.50 -3.39 -11.19
CA SER A 149 -22.09 -2.14 -10.68
C SER A 149 -23.47 -2.44 -10.07
N GLN A 150 -24.26 -3.28 -10.72
CA GLN A 150 -25.63 -3.64 -10.25
C GLN A 150 -25.54 -4.40 -8.92
N SER A 151 -24.65 -5.38 -8.82
CA SER A 151 -24.44 -6.19 -7.60
C SER A 151 -23.99 -5.28 -6.45
N CYS A 152 -23.08 -4.35 -6.73
CA CYS A 152 -22.56 -3.36 -5.74
C CYS A 152 -23.71 -2.49 -5.19
N ARG A 153 -24.58 -1.99 -6.06
CA ARG A 153 -25.77 -1.17 -5.67
C ARG A 153 -26.64 -2.01 -4.71
N HIS A 154 -26.87 -3.29 -5.00
CA HIS A 154 -27.75 -4.18 -4.19
C HIS A 154 -27.11 -4.45 -2.83
N LYS A 155 -25.78 -4.43 -2.70
CA LYS A 155 -25.07 -4.89 -1.47
C LYS A 155 -24.34 -3.76 -0.78
N ASP A 156 -24.67 -2.52 -1.15
CA ASP A 156 -24.12 -1.30 -0.52
C ASP A 156 -22.61 -1.46 -0.42
N LEU A 157 -21.97 -1.74 -1.57
CA LEU A 157 -20.51 -1.69 -1.74
C LEU A 157 -20.23 -0.59 -2.74
N ASP A 158 -19.31 0.31 -2.45
CA ASP A 158 -18.99 1.43 -3.35
C ASP A 158 -18.18 0.89 -4.54
N PHE A 159 -18.40 1.44 -5.71
CA PHE A 159 -17.91 0.81 -6.97
C PHE A 159 -17.21 1.89 -7.80
N GLY A 160 -16.03 1.56 -8.29
CA GLY A 160 -15.20 2.48 -9.06
C GLY A 160 -14.56 1.75 -10.24
N LEU A 161 -13.94 2.50 -11.13
CA LEU A 161 -13.38 2.00 -12.39
C LEU A 161 -12.00 2.57 -12.65
N TYR A 162 -11.18 1.72 -13.25
CA TYR A 162 -9.85 2.06 -13.79
C TYR A 162 -9.95 2.10 -15.33
N TYR A 163 -9.30 3.08 -15.91
CA TYR A 163 -9.18 3.19 -17.37
C TYR A 163 -7.74 3.58 -17.71
N SER A 164 -7.11 2.85 -18.64
CA SER A 164 -5.74 3.15 -19.12
C SER A 164 -5.84 4.28 -20.15
N HIS A 165 -5.68 5.50 -19.68
CA HIS A 165 -5.85 6.74 -20.48
C HIS A 165 -4.63 7.01 -21.35
N VAL A 166 -3.41 6.76 -20.88
CA VAL A 166 -2.19 7.15 -21.63
C VAL A 166 -1.78 6.01 -22.55
N ILE A 167 -1.67 4.78 -22.04
CA ILE A 167 -1.16 3.61 -22.79
C ILE A 167 -2.32 2.84 -23.43
N ASP A 168 -2.19 2.62 -24.74
CA ASP A 168 -3.18 1.78 -25.48
C ASP A 168 -2.44 1.16 -26.64
N TRP A 169 -2.29 -0.17 -26.67
CA TRP A 169 -1.52 -0.85 -27.72
C TRP A 169 -2.45 -1.22 -28.90
N GLU A 170 -3.74 -0.98 -28.79
CA GLU A 170 -4.71 -1.41 -29.84
C GLU A 170 -4.89 -0.25 -30.85
N ASN A 171 -4.72 0.99 -30.42
CA ASN A 171 -5.01 2.20 -31.22
C ASN A 171 -3.74 2.70 -31.92
N GLU A 172 -3.79 2.88 -33.26
CA GLU A 172 -2.56 3.21 -34.02
C GLU A 172 -2.01 4.59 -33.71
N ASN A 173 -2.75 5.43 -32.97
CA ASN A 173 -2.37 6.82 -32.67
C ASN A 173 -1.93 6.98 -31.20
N ALA A 174 -2.10 5.97 -30.33
CA ALA A 174 -1.92 6.14 -28.88
C ALA A 174 -0.44 5.96 -28.53
N VAL A 175 0.48 6.70 -29.15
CA VAL A 175 1.94 6.58 -28.88
C VAL A 175 2.19 7.01 -27.42
N SER A 176 3.06 6.28 -26.73
CA SER A 176 3.44 6.57 -25.32
C SER A 176 4.89 6.14 -25.14
N LYS A 177 5.41 6.15 -23.91
CA LYS A 177 6.74 5.60 -23.61
C LYS A 177 6.72 4.08 -23.77
N ALA A 178 5.54 3.43 -23.85
CA ALA A 178 5.50 1.99 -24.20
C ALA A 178 4.67 1.79 -25.46
N PRO A 179 5.18 2.21 -26.62
CA PRO A 179 4.37 2.26 -27.82
C PRO A 179 4.15 0.86 -28.32
N ASN A 180 3.05 0.66 -29.07
CA ASN A 180 2.94 -0.51 -29.96
C ASN A 180 3.72 -0.12 -31.22
N ASP A 181 4.97 -0.55 -31.29
CA ASP A 181 5.87 -0.23 -32.42
C ASP A 181 6.05 -1.51 -33.25
N TRP A 182 5.22 -2.53 -33.06
CA TRP A 182 5.30 -3.75 -33.91
C TRP A 182 4.21 -3.68 -34.98
N ASP A 183 2.98 -3.27 -34.66
CA ASP A 183 1.88 -3.03 -35.62
C ASP A 183 2.01 -1.63 -36.26
N PHE A 184 2.49 -0.63 -35.54
CA PHE A 184 2.39 0.80 -35.91
C PHE A 184 3.75 1.47 -35.92
N ASN A 185 3.81 2.66 -36.51
CA ASN A 185 5.03 3.52 -36.51
C ASN A 185 4.75 4.67 -35.56
N PRO A 186 5.44 4.73 -34.40
CA PRO A 186 5.20 5.79 -33.43
C PRO A 186 5.31 7.20 -34.01
N ASP A 187 6.23 7.38 -34.98
CA ASP A 187 6.43 8.68 -35.69
C ASP A 187 5.17 9.13 -36.45
N GLN A 188 4.31 8.21 -36.91
CA GLN A 188 3.10 8.57 -37.70
C GLN A 188 1.90 8.82 -36.79
N ALA A 189 2.03 8.58 -35.47
CA ALA A 189 0.88 8.71 -34.54
C ALA A 189 0.41 10.17 -34.47
N ASN A 190 -0.89 10.36 -34.44
CA ASN A 190 -1.48 11.62 -33.99
C ASN A 190 -2.20 11.35 -32.67
N TYR A 191 -1.55 11.65 -31.54
CA TYR A 191 -2.07 11.32 -30.18
C TYR A 191 -3.43 11.97 -29.96
N GLN A 192 -3.67 13.19 -30.47
CA GLN A 192 -4.96 13.87 -30.31
C GLN A 192 -6.11 13.03 -30.90
N GLU A 193 -5.90 12.24 -31.95
CA GLU A 193 -6.97 11.42 -32.60
C GLU A 193 -7.31 10.25 -31.66
N TYR A 194 -6.30 9.55 -31.14
CA TYR A 194 -6.55 8.53 -30.06
C TYR A 194 -7.37 9.20 -28.97
N TRP A 195 -6.95 10.38 -28.55
CA TRP A 195 -7.57 11.03 -27.37
C TRP A 195 -9.04 11.34 -27.62
N ASN A 196 -9.37 11.90 -28.79
CA ASN A 196 -10.73 12.37 -29.14
C ASN A 196 -11.59 11.18 -29.55
N ASN A 197 -11.03 10.18 -30.23
CA ASN A 197 -11.81 9.10 -30.88
C ASN A 197 -11.99 7.92 -29.92
N LYS A 198 -11.05 7.66 -29.00
CA LYS A 198 -11.13 6.46 -28.14
C LYS A 198 -11.13 6.84 -26.65
N CYS A 199 -10.11 7.53 -26.18
CA CYS A 199 -9.96 7.82 -24.72
C CYS A 199 -11.19 8.56 -24.16
N LEU A 200 -11.53 9.73 -24.72
CA LEU A 200 -12.60 10.58 -24.14
C LEU A 200 -13.95 9.95 -24.36
N PRO A 201 -14.30 9.37 -25.52
CA PRO A 201 -15.60 8.68 -25.62
C PRO A 201 -15.74 7.48 -24.67
N GLN A 202 -14.66 6.73 -24.47
CA GLN A 202 -14.70 5.59 -23.53
C GLN A 202 -14.83 6.10 -22.07
N VAL A 203 -14.09 7.12 -21.69
CA VAL A 203 -14.23 7.65 -20.32
C VAL A 203 -15.67 8.13 -20.14
N ASN A 204 -16.23 8.80 -21.15
CA ASN A 204 -17.63 9.28 -21.03
C ASN A 204 -18.59 8.14 -20.83
N GLU A 205 -18.35 7.00 -21.49
CA GLU A 205 -19.20 5.80 -21.35
C GLU A 205 -19.14 5.40 -19.87
N LEU A 206 -17.93 5.41 -19.30
CA LEU A 206 -17.74 4.92 -17.91
C LEU A 206 -18.48 5.85 -16.94
N LEU A 207 -18.45 7.14 -17.22
CA LEU A 207 -19.05 8.21 -16.38
C LEU A 207 -20.57 8.19 -16.48
N GLU A 208 -21.16 7.58 -17.51
CA GLU A 208 -22.63 7.62 -17.83
C GLU A 208 -23.34 6.29 -17.60
N GLN A 209 -22.69 5.16 -17.85
CA GLN A 209 -23.42 3.87 -18.01
C GLN A 209 -23.62 3.10 -16.73
N TYR A 210 -23.00 3.45 -15.60
CA TYR A 210 -22.84 2.49 -14.46
C TYR A 210 -23.18 3.15 -13.11
N GLY A 211 -23.89 4.29 -13.12
CA GLY A 211 -24.38 4.97 -11.91
C GLY A 211 -23.24 5.71 -11.21
N ASP A 212 -23.40 5.95 -9.90
CA ASP A 212 -22.46 6.76 -9.10
CA ASP A 212 -22.47 6.73 -9.03
C ASP A 212 -21.15 5.95 -8.89
N LEU A 213 -20.04 6.54 -9.25
CA LEU A 213 -18.70 5.91 -9.14
C LEU A 213 -18.04 6.52 -7.91
N CYS A 214 -17.45 5.68 -7.06
CA CYS A 214 -16.74 6.15 -5.85
C CYS A 214 -15.37 6.67 -6.26
N SER A 215 -14.80 6.14 -7.33
CA SER A 215 -13.39 6.35 -7.74
C SER A 215 -13.27 6.28 -9.25
N LEU A 216 -12.44 7.14 -9.82
CA LEU A 216 -11.88 6.90 -11.16
C LEU A 216 -10.38 6.75 -10.94
N TRP A 217 -9.83 5.66 -11.45
CA TRP A 217 -8.42 5.26 -11.19
C TRP A 217 -7.62 5.27 -12.48
N PHE A 218 -6.41 5.78 -12.41
CA PHE A 218 -5.46 5.93 -13.53
C PHE A 218 -4.06 5.54 -13.09
N ASP A 219 -3.24 5.11 -14.04
CA ASP A 219 -1.78 4.91 -13.89
C ASP A 219 -1.06 5.26 -15.18
N MSE A 220 0.28 5.24 -15.09
CA MSE A 220 1.21 5.49 -16.17
C MSE A 220 1.03 6.89 -16.76
O MSE A 220 1.40 7.13 -17.94
CB MSE A 220 1.06 4.42 -17.24
CG MSE A 220 0.92 3.01 -16.70
SE MSE A 220 2.45 2.66 -15.56
CE MSE A 220 3.94 2.23 -16.81
N GLY A 221 0.54 7.85 -15.95
CA GLY A 221 0.36 9.21 -16.38
C GLY A 221 1.66 9.80 -16.93
N GLY A 222 2.80 9.38 -16.38
CA GLY A 222 4.14 9.84 -16.83
C GLY A 222 4.59 9.23 -18.15
N PHE A 223 3.81 8.33 -18.77
CA PHE A 223 4.20 7.64 -20.02
C PHE A 223 3.73 8.45 -21.24
N ASP A 224 3.13 9.61 -21.02
CA ASP A 224 2.61 10.52 -22.09
C ASP A 224 3.86 11.15 -22.71
N VAL A 225 4.04 11.06 -24.03
CA VAL A 225 5.27 11.59 -24.70
C VAL A 225 4.94 12.91 -25.39
N GLN A 226 3.73 13.42 -25.26
CA GLN A 226 3.35 14.74 -25.85
C GLN A 226 4.02 15.84 -25.00
N GLU A 227 4.14 17.05 -25.54
CA GLU A 227 4.68 18.22 -24.78
C GLU A 227 3.92 18.37 -23.46
N GLU A 228 4.60 18.83 -22.42
CA GLU A 228 4.00 19.06 -21.07
C GLU A 228 2.71 19.87 -21.17
N ALA A 229 2.69 20.98 -21.91
CA ALA A 229 1.50 21.88 -21.95
C ALA A 229 0.28 21.13 -22.50
N ASP A 230 0.51 20.31 -23.52
CA ASP A 230 -0.54 19.49 -24.17
C ASP A 230 -1.09 18.44 -23.16
N HIS A 231 -0.20 17.73 -22.46
CA HIS A 231 -0.55 16.78 -21.36
C HIS A 231 -1.41 17.51 -20.32
N VAL A 232 -0.90 18.63 -19.80
CA VAL A 232 -1.63 19.40 -18.78
C VAL A 232 -2.99 19.84 -19.31
N ARG A 233 -3.11 20.24 -20.57
CA ARG A 233 -4.44 20.70 -21.09
C ARG A 233 -5.38 19.50 -21.11
N ARG A 234 -4.91 18.37 -21.62
CA ARG A 234 -5.78 17.19 -21.80
C ARG A 234 -6.13 16.65 -20.40
N ILE A 235 -5.20 16.61 -19.46
CA ILE A 235 -5.58 16.01 -18.15
C ILE A 235 -6.54 16.95 -17.44
N GLY A 236 -6.31 18.26 -17.58
CA GLY A 236 -7.23 19.26 -17.01
C GLY A 236 -8.65 19.08 -17.54
N GLU A 237 -8.77 18.84 -18.84
CA GLU A 237 -10.08 18.66 -19.51
C GLU A 237 -10.71 17.35 -19.04
N LEU A 238 -9.89 16.31 -18.96
CA LEU A 238 -10.34 15.00 -18.45
C LEU A 238 -10.88 15.19 -17.05
N MSE A 239 -10.12 15.86 -16.19
CA MSE A 239 -10.54 15.96 -14.80
C MSE A 239 -11.81 16.80 -14.68
O MSE A 239 -12.67 16.51 -13.84
CB MSE A 239 -9.45 16.66 -13.97
CG MSE A 239 -8.14 15.88 -13.89
SE MSE A 239 -8.65 14.24 -12.97
CE MSE A 239 -9.39 14.81 -11.21
N ALA A 240 -11.93 17.89 -15.49
CA ALA A 240 -13.14 18.72 -15.44
C ALA A 240 -14.35 17.86 -15.79
N LEU A 241 -14.24 16.99 -16.81
CA LEU A 241 -15.32 16.08 -17.25
C LEU A 241 -15.71 15.15 -16.10
N ILE A 242 -14.71 14.65 -15.38
CA ILE A 242 -15.01 13.70 -14.27
C ILE A 242 -15.76 14.45 -13.16
N ARG A 243 -15.30 15.63 -12.77
CA ARG A 243 -15.97 16.40 -11.68
C ARG A 243 -17.42 16.73 -12.12
N LYS A 244 -17.63 17.05 -13.39
CA LYS A 244 -18.97 17.39 -13.93
C LYS A 244 -19.88 16.15 -13.86
N LYS A 245 -19.48 14.98 -14.37
CA LYS A 245 -20.40 13.82 -14.46
C LYS A 245 -20.34 12.92 -13.25
N GLN A 246 -19.22 12.88 -12.51
CA GLN A 246 -19.12 12.05 -11.27
C GLN A 246 -18.51 12.89 -10.16
N PRO A 247 -19.26 13.88 -9.63
CA PRO A 247 -18.67 14.83 -8.69
C PRO A 247 -18.19 14.18 -7.39
N ASP A 248 -18.65 12.97 -7.08
CA ASP A 248 -18.33 12.28 -5.79
C ASP A 248 -17.19 11.26 -5.96
N ALA A 249 -16.57 11.22 -7.13
CA ALA A 249 -15.53 10.23 -7.45
C ALA A 249 -14.15 10.74 -7.09
N VAL A 250 -13.40 9.91 -6.32
CA VAL A 250 -12.00 10.18 -5.92
C VAL A 250 -11.10 9.74 -7.06
N VAL A 251 -10.17 10.62 -7.42
CA VAL A 251 -9.20 10.37 -8.51
C VAL A 251 -7.81 10.41 -7.92
N ASN A 252 -6.92 9.54 -8.42
CA ASN A 252 -5.52 9.41 -7.93
C ASN A 252 -4.57 10.16 -8.85
N SER A 253 -3.43 10.57 -8.30
CA SER A 253 -2.50 11.50 -8.97
C SER A 253 -1.69 10.77 -10.03
N ARG A 254 -1.78 9.44 -10.12
CA ARG A 254 -1.10 8.68 -11.19
C ARG A 254 -1.76 8.99 -12.53
N VAL A 255 -2.85 9.73 -12.51
CA VAL A 255 -3.45 10.31 -13.74
C VAL A 255 -2.38 11.16 -14.46
N THR A 256 -1.36 11.65 -13.74
CA THR A 256 -0.29 12.47 -14.33
C THR A 256 1.08 12.01 -13.80
N ALA A 257 2.13 12.78 -14.11
CA ALA A 257 3.49 12.61 -13.59
C ALA A 257 3.63 13.46 -12.33
N PRO A 258 4.54 13.03 -11.42
CA PRO A 258 4.79 13.78 -10.18
C PRO A 258 5.07 15.29 -10.43
N GLU A 259 5.86 15.61 -11.47
CA GLU A 259 6.26 17.02 -11.82
C GLU A 259 5.11 17.84 -12.37
N CYS A 260 3.97 17.24 -12.74
CA CYS A 260 2.76 17.98 -13.17
C CYS A 260 1.66 17.98 -12.12
N GLU A 261 1.84 17.30 -10.99
CA GLU A 261 0.74 17.18 -10.00
C GLU A 261 0.29 18.57 -9.56
N TYR A 262 1.22 19.53 -9.36
CA TYR A 262 0.82 20.84 -8.78
C TYR A 262 -0.04 21.60 -9.82
N GLN A 263 0.01 21.21 -11.09
CA GLN A 263 -0.72 21.92 -12.19
C GLN A 263 -2.12 21.34 -12.42
N LEU A 264 -2.48 20.23 -11.79
CA LEU A 264 -3.69 19.45 -12.17
C LEU A 264 -4.53 19.10 -10.95
N ASP A 265 -5.84 19.03 -11.20
CA ASP A 265 -6.84 18.46 -10.27
C ASP A 265 -6.60 16.93 -10.12
N TRP A 266 -6.76 16.48 -8.87
CA TRP A 266 -6.73 15.07 -8.37
C TRP A 266 -6.88 15.12 -6.84
N ASP A 267 -7.29 14.00 -6.22
CA ASP A 267 -7.72 13.97 -4.81
C ASP A 267 -6.68 13.30 -3.92
N ILE A 268 -6.14 12.16 -4.35
CA ILE A 268 -5.33 11.26 -3.48
C ILE A 268 -4.08 10.88 -4.26
N LYS A 269 -3.03 10.44 -3.57
CA LYS A 269 -1.92 9.80 -4.26
C LYS A 269 -1.99 8.26 -4.13
N THR A 270 -1.05 7.62 -4.78
CA THR A 270 -0.88 6.16 -4.76
C THR A 270 0.53 5.85 -4.25
N GLY A 271 0.59 4.94 -3.30
CA GLY A 271 1.89 4.43 -2.82
C GLY A 271 2.52 3.51 -3.85
N HIS A 272 3.69 2.99 -3.51
CA HIS A 272 4.36 1.94 -4.29
C HIS A 272 3.39 0.79 -4.51
N ASP A 273 3.53 0.12 -5.60
CA ASP A 273 3.01 -1.26 -5.74
C ASP A 273 3.77 -2.18 -4.75
N ASN A 274 3.04 -2.67 -3.77
CA ASN A 274 3.41 -3.65 -2.72
C ASN A 274 4.39 -3.08 -1.67
N TYR A 275 5.39 -2.33 -2.07
CA TYR A 275 6.52 -1.92 -1.20
C TYR A 275 5.99 -0.89 -0.20
N MSE A 276 6.18 -1.19 1.08
CA MSE A 276 5.64 -0.41 2.18
C MSE A 276 6.31 0.97 2.30
O MSE A 276 7.52 1.08 2.19
CB MSE A 276 5.80 -1.17 3.49
CG MSE A 276 5.38 -0.40 4.72
SE MSE A 276 3.39 -0.25 4.81
CE MSE A 276 2.76 -2.03 4.32
N GLU A 277 5.49 2.02 2.42
CA GLU A 277 5.95 3.38 2.64
C GLU A 277 6.68 3.45 3.98
N PRO A 278 7.60 4.42 4.16
CA PRO A 278 8.23 4.65 5.46
C PRO A 278 7.18 4.91 6.52
N LEU A 279 7.54 4.69 7.78
CA LEU A 279 6.62 5.00 8.89
C LEU A 279 6.67 6.53 9.10
N TYR A 280 5.77 7.24 8.43
CA TYR A 280 5.82 8.70 8.28
C TYR A 280 4.43 9.11 7.87
N ILE A 281 3.85 10.08 8.56
CA ILE A 281 2.46 10.52 8.26
C ILE A 281 2.51 11.54 7.12
N LYS A 282 1.97 11.16 5.97
CA LYS A 282 2.13 11.96 4.73
C LYS A 282 1.26 13.21 4.84
N PRO A 283 1.62 14.34 4.22
CA PRO A 283 0.73 15.51 4.26
C PRO A 283 -0.36 15.48 3.19
N TYR A 284 -0.76 14.30 2.70
CA TYR A 284 -1.73 14.12 1.59
C TYR A 284 -2.50 12.81 1.80
N TYR A 285 -3.63 12.67 1.14
CA TYR A 285 -4.41 11.40 1.20
C TYR A 285 -3.79 10.45 0.19
N TRP A 286 -3.85 9.15 0.50
CA TRP A 286 -3.21 8.15 -0.38
C TRP A 286 -3.81 6.76 -0.14
N GLU A 287 -3.69 5.91 -1.16
CA GLU A 287 -3.93 4.45 -1.02
C GLU A 287 -2.59 3.73 -1.18
N GLY A 288 -2.37 2.76 -0.32
CA GLY A 288 -1.39 1.72 -0.63
C GLY A 288 -2.09 0.65 -1.45
N ILE A 289 -1.33 -0.07 -2.24
CA ILE A 289 -1.90 -1.11 -3.14
C ILE A 289 -1.00 -2.33 -3.14
N ALA A 290 -1.62 -3.50 -3.03
CA ALA A 290 -0.90 -4.77 -2.99
C ALA A 290 -1.56 -5.75 -3.98
N THR A 291 -0.72 -6.63 -4.51
CA THR A 291 -1.13 -7.86 -5.21
C THR A 291 -1.35 -8.98 -4.19
N SER A 292 -2.19 -9.94 -4.54
CA SER A 292 -2.43 -11.12 -3.73
C SER A 292 -1.41 -12.26 -4.07
N ASN A 293 -0.69 -12.27 -5.05
CA ASN A 293 0.39 -13.09 -5.57
C ASN A 293 1.42 -12.17 -6.29
N ASP A 294 2.26 -12.73 -7.18
CA ASP A 294 3.35 -11.98 -7.86
C ASP A 294 2.83 -11.24 -9.09
N ASN A 295 1.56 -11.41 -9.40
CA ASN A 295 0.97 -10.78 -10.58
C ASN A 295 -0.29 -9.98 -10.27
N TRP A 296 -0.80 -9.28 -11.28
CA TRP A 296 -2.01 -8.49 -11.16
C TRP A 296 -3.15 -9.35 -11.75
N GLY A 297 -3.41 -9.22 -13.04
CA GLY A 297 -4.32 -10.14 -13.74
C GLY A 297 -3.84 -11.58 -13.68
N TYR A 298 -4.76 -12.50 -13.86
CA TYR A 298 -4.52 -13.96 -13.84
C TYR A 298 -3.26 -14.37 -14.60
N SER A 299 -2.39 -15.05 -13.88
CA SER A 299 -1.10 -15.62 -14.37
C SER A 299 -1.18 -17.12 -14.11
N ARG A 300 -1.32 -17.93 -15.17
CA ARG A 300 -1.48 -19.40 -15.11
C ARG A 300 -0.47 -20.08 -14.16
N ASN A 301 0.79 -19.68 -14.21
CA ASN A 301 1.82 -20.42 -13.42
C ASN A 301 1.98 -19.86 -11.99
N ASP A 302 1.29 -18.80 -11.61
CA ASP A 302 1.60 -18.14 -10.32
C ASP A 302 0.96 -18.94 -9.18
N ASN A 303 1.76 -19.69 -8.44
CA ASN A 303 1.33 -20.41 -7.22
C ASN A 303 1.96 -19.79 -5.96
N ASN A 304 2.37 -18.51 -6.06
CA ASN A 304 2.99 -17.74 -4.93
C ASN A 304 1.93 -16.89 -4.23
N THR A 305 0.80 -17.50 -3.81
CA THR A 305 -0.27 -16.74 -3.13
C THR A 305 0.24 -16.25 -1.77
N LYS A 306 -0.01 -14.99 -1.44
CA LYS A 306 0.40 -14.38 -0.15
C LYS A 306 -0.45 -14.97 0.96
N SER A 307 0.02 -14.92 2.20
CA SER A 307 -0.80 -15.39 3.35
C SER A 307 -1.76 -14.31 3.83
N SER A 308 -2.89 -14.71 4.39
CA SER A 308 -3.82 -13.79 5.06
C SER A 308 -3.06 -13.02 6.14
N LYS A 309 -2.14 -13.68 6.84
CA LYS A 309 -1.46 -13.00 7.97
C LYS A 309 -0.66 -11.83 7.43
N ASP A 310 0.08 -12.08 6.37
CA ASP A 310 0.96 -11.05 5.77
C ASP A 310 0.10 -9.87 5.29
N LEU A 311 -1.01 -10.14 4.62
CA LEU A 311 -1.80 -9.05 4.01
C LEU A 311 -2.56 -8.28 5.08
N ILE A 312 -3.04 -8.94 6.11
CA ILE A 312 -3.66 -8.21 7.26
C ILE A 312 -2.58 -7.30 7.84
N ASN A 313 -1.37 -7.79 8.05
CA ASN A 313 -0.31 -6.97 8.67
C ASN A 313 -0.02 -5.76 7.78
N GLN A 314 -0.06 -5.94 6.46
CA GLN A 314 0.20 -4.83 5.56
C GLN A 314 -0.93 -3.82 5.58
N LEU A 315 -2.18 -4.28 5.59
CA LEU A 315 -3.38 -3.42 5.75
C LEU A 315 -3.22 -2.56 7.02
N CYS A 316 -2.90 -3.20 8.14
CA CYS A 316 -2.87 -2.49 9.45
C CYS A 316 -1.71 -1.47 9.42
N SER A 317 -0.59 -1.85 8.83
CA SER A 317 0.64 -1.03 8.73
C SER A 317 0.36 0.19 7.87
N VAL A 318 -0.42 0.03 6.80
CA VAL A 318 -0.80 1.17 5.92
C VAL A 318 -1.75 2.08 6.71
N VAL A 319 -2.71 1.52 7.41
CA VAL A 319 -3.71 2.39 8.12
C VAL A 319 -2.99 3.09 9.29
N SER A 320 -1.99 2.47 9.90
CA SER A 320 -1.16 3.10 10.98
C SER A 320 -0.45 4.32 10.42
N ARG A 321 -0.07 4.27 9.13
CA ARG A 321 0.61 5.39 8.43
C ARG A 321 -0.35 6.46 7.95
N GLY A 322 -1.64 6.17 7.91
CA GLY A 322 -2.73 7.11 7.55
C GLY A 322 -3.28 6.86 6.15
N GLY A 323 -2.94 5.72 5.55
CA GLY A 323 -3.37 5.40 4.17
C GLY A 323 -4.65 4.56 4.12
N ASN A 324 -5.35 4.64 2.99
CA ASN A 324 -6.29 3.59 2.56
C ASN A 324 -5.49 2.41 1.99
N PHE A 325 -6.14 1.32 1.70
CA PHE A 325 -5.46 0.13 1.17
C PHE A 325 -6.38 -0.61 0.21
N LEU A 326 -5.83 -0.93 -0.94
CA LEU A 326 -6.47 -1.73 -2.01
C LEU A 326 -5.66 -3.02 -2.20
N LEU A 327 -6.37 -4.14 -2.18
CA LEU A 327 -5.79 -5.48 -2.41
C LEU A 327 -6.38 -5.98 -3.72
N ASN A 328 -5.48 -6.27 -4.63
CA ASN A 328 -5.84 -6.77 -5.98
C ASN A 328 -6.12 -8.29 -5.99
N ILE A 329 -7.16 -8.63 -6.75
CA ILE A 329 -7.49 -10.02 -7.12
C ILE A 329 -7.77 -10.03 -8.63
N THR A 330 -8.04 -11.22 -9.14
CA THR A 330 -8.35 -11.44 -10.56
C THR A 330 -9.33 -12.60 -10.64
N LEU A 331 -9.66 -12.92 -11.88
CA LEU A 331 -10.48 -14.07 -12.26
C LEU A 331 -9.77 -14.76 -13.43
N ASP A 332 -9.98 -16.04 -13.54
CA ASP A 332 -9.37 -16.84 -14.62
C ASP A 332 -10.24 -16.65 -15.87
N HIS A 333 -9.83 -17.28 -16.99
CA HIS A 333 -10.52 -17.14 -18.30
C HIS A 333 -11.97 -17.71 -18.26
N ASN A 334 -12.32 -18.49 -17.24
CA ASN A 334 -13.67 -19.11 -17.09
C ASN A 334 -14.55 -18.16 -16.28
N GLY A 335 -13.98 -17.07 -15.78
CA GLY A 335 -14.66 -16.14 -14.87
C GLY A 335 -14.77 -16.66 -13.44
N ARG A 336 -13.95 -17.64 -13.05
CA ARG A 336 -13.93 -18.15 -11.65
C ARG A 336 -12.90 -17.30 -10.91
N ILE A 337 -13.17 -17.00 -9.66
CA ILE A 337 -12.11 -16.53 -8.75
C ILE A 337 -11.27 -17.73 -8.35
N PRO A 338 -9.95 -17.72 -8.54
CA PRO A 338 -9.10 -18.86 -8.17
C PRO A 338 -9.36 -19.25 -6.70
N GLN A 339 -9.44 -20.55 -6.39
CA GLN A 339 -9.77 -21.03 -5.00
C GLN A 339 -8.77 -20.42 -3.98
N SER A 340 -7.50 -20.22 -4.33
CA SER A 340 -6.48 -19.71 -3.38
CA SER A 340 -6.42 -19.67 -3.46
C SER A 340 -6.83 -18.26 -2.98
N LEU A 341 -7.46 -17.49 -3.85
CA LEU A 341 -7.88 -16.11 -3.57
C LEU A 341 -9.22 -16.11 -2.86
N VAL A 342 -10.10 -17.06 -3.15
CA VAL A 342 -11.33 -17.20 -2.30
C VAL A 342 -10.89 -17.52 -0.87
N ARG A 343 -9.94 -18.44 -0.67
CA ARG A 343 -9.46 -18.84 0.68
C ARG A 343 -8.82 -17.61 1.35
N LEU A 344 -7.90 -16.96 0.66
CA LEU A 344 -7.22 -15.75 1.17
C LEU A 344 -8.22 -14.72 1.68
N LEU A 345 -9.18 -14.28 0.86
CA LEU A 345 -10.11 -13.20 1.24
C LEU A 345 -11.05 -13.71 2.34
N SER A 346 -11.40 -15.00 2.34
CA SER A 346 -12.24 -15.60 3.41
C SER A 346 -11.49 -15.57 4.77
N GLU A 347 -10.20 -15.82 4.75
CA GLU A 347 -9.34 -15.77 5.94
C GLU A 347 -9.20 -14.34 6.44
N ILE A 348 -9.01 -13.37 5.54
CA ILE A 348 -8.98 -11.93 5.90
C ILE A 348 -10.33 -11.55 6.51
N GLY A 349 -11.41 -12.06 5.92
CA GLY A 349 -12.77 -11.71 6.35
C GLY A 349 -13.06 -12.17 7.76
N GLN A 350 -12.61 -13.38 8.08
CA GLN A 350 -12.85 -14.01 9.40
C GLN A 350 -12.13 -13.13 10.42
N TRP A 351 -10.95 -12.61 10.10
CA TRP A 351 -10.19 -11.69 11.01
C TRP A 351 -10.88 -10.35 11.11
N MSE A 352 -11.36 -9.82 9.98
CA MSE A 352 -11.96 -8.51 9.97
C MSE A 352 -13.27 -8.53 10.75
O MSE A 352 -13.64 -7.51 11.34
CB MSE A 352 -12.21 -8.03 8.54
CG MSE A 352 -10.92 -7.78 7.80
SE MSE A 352 -10.10 -6.13 8.52
CE MSE A 352 -11.12 -4.68 7.70
N GLN A 353 -13.99 -9.64 10.67
CA GLN A 353 -15.26 -9.69 11.41
C GLN A 353 -15.03 -9.39 12.91
N VAL A 354 -13.95 -9.90 13.47
CA VAL A 354 -13.57 -9.67 14.89
C VAL A 354 -12.96 -8.26 15.04
N ASN A 355 -12.05 -7.86 14.16
CA ASN A 355 -11.06 -6.77 14.44
C ASN A 355 -11.27 -5.52 13.59
N GLN A 356 -12.27 -5.44 12.69
CA GLN A 356 -12.46 -4.32 11.73
C GLN A 356 -12.50 -2.96 12.44
N GLU A 357 -13.01 -2.88 13.68
CA GLU A 357 -13.17 -1.54 14.33
C GLU A 357 -11.79 -0.93 14.65
N ALA A 358 -10.73 -1.73 14.70
CA ALA A 358 -9.33 -1.30 14.92
C ALA A 358 -8.65 -0.87 13.62
N VAL A 359 -9.35 -0.96 12.46
CA VAL A 359 -8.72 -0.72 11.12
C VAL A 359 -9.59 0.25 10.31
N ILE A 360 -10.83 -0.14 10.03
CA ILE A 360 -11.79 0.65 9.20
C ILE A 360 -12.15 1.95 9.95
N ASP A 361 -11.93 3.09 9.32
CA ASP A 361 -12.33 4.42 9.82
C ASP A 361 -11.56 4.68 11.11
N THR A 362 -10.25 4.41 11.09
CA THR A 362 -9.33 4.76 12.21
C THR A 362 -8.26 5.71 11.69
N GLU A 363 -7.66 6.48 12.61
CA GLU A 363 -6.58 7.45 12.29
C GLU A 363 -5.21 6.79 12.50
N ALA A 364 -4.23 7.40 11.86
CA ALA A 364 -2.81 7.02 11.91
C ALA A 364 -2.36 7.05 13.36
N THR A 365 -1.27 6.35 13.66
CA THR A 365 -0.73 6.40 15.03
C THR A 365 -0.54 7.86 15.42
N PRO A 366 -0.91 8.20 16.67
CA PRO A 366 -0.56 9.51 17.24
C PRO A 366 0.59 9.46 18.25
N LEU A 367 1.25 8.30 18.41
CA LEU A 367 2.24 8.09 19.49
C LEU A 367 3.63 8.67 19.17
N GLN A 368 3.86 9.11 17.93
CA GLN A 368 5.13 9.75 17.45
C GLN A 368 6.31 8.78 17.62
N THR A 369 6.04 7.47 17.58
CA THR A 369 7.07 6.42 17.55
C THR A 369 6.42 5.17 16.99
N GLY A 370 7.21 4.33 16.34
CA GLY A 370 6.83 2.95 16.02
C GLY A 370 7.37 1.99 17.08
N PHE A 371 7.10 0.71 16.87
CA PHE A 371 7.45 -0.42 17.76
C PHE A 371 7.87 -1.63 16.94
N ASN A 372 8.77 -2.43 17.51
CA ASN A 372 9.28 -3.64 16.82
C ASN A 372 8.13 -4.65 16.71
N TRP A 373 7.17 -4.63 17.63
CA TRP A 373 6.15 -5.74 17.73
C TRP A 373 4.95 -5.52 16.83
N GLY A 374 4.77 -4.31 16.29
CA GLY A 374 3.60 -3.99 15.46
C GLY A 374 3.33 -2.52 15.32
N VAL A 375 2.06 -2.16 15.14
CA VAL A 375 1.67 -0.77 14.79
C VAL A 375 0.44 -0.39 15.62
N VAL A 376 0.12 0.88 15.54
CA VAL A 376 -0.97 1.48 16.33
C VAL A 376 -1.89 2.26 15.40
N THR A 377 -3.19 2.14 15.63
CA THR A 377 -4.22 3.05 15.03
C THR A 377 -5.06 3.67 16.14
N HIS A 378 -5.88 4.67 15.77
CA HIS A 378 -6.51 5.58 16.78
C HIS A 378 -7.97 5.85 16.42
N ARG A 379 -8.88 5.69 17.39
CA ARG A 379 -10.30 6.12 17.27
C ARG A 379 -10.54 7.22 18.32
N PRO A 380 -10.21 8.48 18.02
CA PRO A 380 -10.32 9.54 19.03
C PRO A 380 -11.77 9.71 19.55
N ALA A 381 -12.79 9.40 18.75
CA ALA A 381 -14.19 9.72 19.16
C ALA A 381 -14.55 8.90 20.38
N THR A 382 -13.98 7.70 20.57
CA THR A 382 -14.24 6.80 21.71
C THR A 382 -12.98 6.55 22.56
N ASN A 383 -11.98 7.41 22.45
CA ASN A 383 -10.77 7.39 23.32
C ASN A 383 -10.13 5.99 23.23
N LYS A 384 -9.99 5.44 22.01
CA LYS A 384 -9.35 4.11 21.84
C LYS A 384 -8.04 4.25 21.03
N LEU A 385 -6.98 3.59 21.54
CA LEU A 385 -5.77 3.22 20.77
C LEU A 385 -5.84 1.70 20.54
N TYR A 386 -5.55 1.29 19.33
CA TYR A 386 -5.52 -0.15 19.00
C TYR A 386 -4.06 -0.51 18.79
N LEU A 387 -3.60 -1.49 19.55
CA LEU A 387 -2.24 -2.04 19.39
C LEU A 387 -2.37 -3.31 18.54
N HIS A 388 -1.87 -3.23 17.31
CA HIS A 388 -1.81 -4.34 16.36
C HIS A 388 -0.52 -5.10 16.62
N VAL A 389 -0.65 -6.21 17.30
CA VAL A 389 0.52 -7.03 17.68
C VAL A 389 0.74 -8.07 16.58
N GLN A 390 1.79 -7.82 15.80
CA GLN A 390 2.16 -8.54 14.55
C GLN A 390 3.16 -9.66 14.85
N ARG A 391 3.98 -9.52 15.89
CA ARG A 391 4.89 -10.61 16.38
C ARG A 391 4.90 -10.53 17.89
N GLN A 392 5.26 -11.62 18.56
CA GLN A 392 5.32 -11.67 20.03
C GLN A 392 6.23 -10.56 20.52
N PRO A 393 5.74 -9.66 21.40
CA PRO A 393 6.64 -8.69 21.99
C PRO A 393 7.70 -9.47 22.78
N GLU A 394 8.94 -8.97 22.74
CA GLU A 394 10.03 -9.53 23.55
C GLU A 394 9.57 -9.64 25.03
N GLN A 395 9.71 -10.82 25.63
CA GLN A 395 9.31 -11.15 27.04
C GLN A 395 7.85 -10.77 27.30
N ASN A 396 6.99 -10.73 26.28
CA ASN A 396 5.55 -10.52 26.46
C ASN A 396 5.29 -9.15 27.13
N VAL A 397 6.11 -8.14 26.84
CA VAL A 397 5.87 -6.78 27.42
C VAL A 397 5.79 -5.77 26.29
N ILE A 398 4.83 -4.86 26.39
CA ILE A 398 4.75 -3.66 25.49
C ILE A 398 5.01 -2.44 26.36
N CYS A 399 5.94 -1.60 25.94
CA CYS A 399 6.35 -0.39 26.72
C CYS A 399 5.97 0.86 25.97
N LEU A 400 5.21 1.75 26.62
CA LEU A 400 4.89 3.08 26.08
C LEU A 400 5.51 4.11 27.04
N HIS A 401 6.06 5.17 26.48
CA HIS A 401 6.53 6.34 27.26
C HIS A 401 5.91 7.63 26.75
N SER A 402 5.20 7.64 25.59
CA SER A 402 4.72 8.94 25.04
C SER A 402 3.27 9.18 25.45
N LEU A 403 2.59 8.22 26.02
CA LEU A 403 1.23 8.38 26.42
C LEU A 403 1.10 8.95 27.85
N ASN A 404 0.63 10.17 27.96
CA ASN A 404 0.45 10.79 29.26
C ASN A 404 -0.86 10.45 29.97
N ASN A 405 -1.84 9.99 29.21
CA ASN A 405 -3.20 9.75 29.74
C ASN A 405 -3.18 8.55 30.64
N ARG A 406 -4.10 8.52 31.60
CA ARG A 406 -4.36 7.27 32.35
C ARG A 406 -5.03 6.31 31.36
N ILE A 407 -4.69 5.01 31.47
CA ILE A 407 -5.39 3.91 30.79
C ILE A 407 -6.56 3.50 31.67
N LYS A 408 -7.79 3.56 31.12
CA LYS A 408 -9.01 3.14 31.83
C LYS A 408 -9.15 1.63 31.80
N GLN A 409 -8.85 0.99 30.66
CA GLN A 409 -8.88 -0.47 30.56
C GLN A 409 -8.21 -0.89 29.25
N VAL A 410 -7.79 -2.13 29.21
CA VAL A 410 -7.32 -2.80 27.97
C VAL A 410 -8.19 -4.04 27.79
N ARG A 411 -8.38 -4.47 26.55
CA ARG A 411 -9.08 -5.71 26.30
C ARG A 411 -8.59 -6.24 24.96
N LEU A 412 -8.55 -7.55 24.86
CA LEU A 412 -8.44 -8.24 23.55
C LEU A 412 -9.75 -8.05 22.80
N LEU A 413 -9.71 -7.53 21.57
CA LEU A 413 -10.94 -7.48 20.73
C LEU A 413 -11.49 -8.88 20.53
N ASP A 414 -10.66 -9.90 20.47
CA ASP A 414 -11.11 -11.26 20.15
C ASP A 414 -11.32 -11.98 21.47
N ASN A 415 -12.55 -12.26 21.85
CA ASN A 415 -12.76 -12.87 23.19
C ASN A 415 -12.59 -14.39 23.10
N GLN A 416 -12.11 -14.96 21.99
CA GLN A 416 -11.75 -16.41 21.92
C GLN A 416 -10.26 -16.60 22.23
N ILE A 417 -9.47 -15.53 22.28
CA ILE A 417 -8.02 -15.67 22.62
C ILE A 417 -7.94 -15.96 24.12
N LYS A 418 -7.28 -17.06 24.48
CA LYS A 418 -7.12 -17.53 25.87
C LYS A 418 -6.06 -16.65 26.54
N GLY A 419 -6.44 -16.01 27.62
CA GLY A 419 -5.51 -15.25 28.44
C GLY A 419 -5.95 -13.82 28.60
N HIS A 420 -5.00 -12.96 28.98
CA HIS A 420 -5.33 -11.68 29.64
C HIS A 420 -4.22 -10.69 29.31
N VAL A 421 -4.52 -9.42 29.25
CA VAL A 421 -3.50 -8.34 29.22
C VAL A 421 -3.61 -7.53 30.49
N SER A 422 -2.55 -7.56 31.28
CA SER A 422 -2.41 -6.76 32.50
C SER A 422 -1.67 -5.47 32.12
N TYR A 423 -1.72 -4.42 32.95
CA TYR A 423 -0.84 -3.27 32.70
C TYR A 423 -0.55 -2.53 34.00
N LEU A 424 0.53 -1.76 33.94
CA LEU A 424 0.98 -0.87 35.03
C LEU A 424 1.19 0.50 34.39
N GLN A 425 0.88 1.59 35.09
CA GLN A 425 1.42 2.90 34.67
C GLN A 425 2.13 3.50 35.87
N LYS A 426 3.30 4.09 35.64
N LYS A 426 3.32 4.04 35.69
CA LYS A 426 4.18 4.71 36.67
CA LYS A 426 4.07 4.72 36.80
C LYS A 426 4.51 6.09 36.12
C LYS A 426 4.56 6.04 36.25
N THR A 427 4.08 7.16 36.80
CA THR A 427 4.55 8.49 36.41
C THR A 427 5.77 8.82 37.26
N HIS A 428 6.92 8.96 36.61
CA HIS A 428 8.19 9.34 37.23
C HIS A 428 8.13 10.84 37.59
N THR A 429 8.12 11.20 38.88
CA THR A 429 8.00 12.61 39.33
C THR A 429 9.24 13.44 38.96
N ASP A 430 10.39 12.84 38.71
CA ASP A 430 11.59 13.62 38.35
C ASP A 430 11.53 14.14 36.89
N THR A 431 11.03 13.35 35.95
CA THR A 431 10.97 13.70 34.51
C THR A 431 9.56 14.09 34.13
N GLY A 432 8.55 13.62 34.83
CA GLY A 432 7.15 13.81 34.43
C GLY A 432 6.73 12.77 33.39
N ILE A 433 7.57 11.80 33.10
CA ILE A 433 7.33 10.77 32.03
C ILE A 433 6.49 9.65 32.63
N THR A 434 5.47 9.22 31.89
CA THR A 434 4.69 8.04 32.27
C THR A 434 5.21 6.83 31.50
N ALA A 435 5.65 5.82 32.24
CA ALA A 435 6.00 4.49 31.72
C ALA A 435 4.74 3.63 31.84
N SER A 436 4.12 3.33 30.69
CA SER A 436 2.99 2.37 30.62
C SER A 436 3.56 1.04 30.14
N THR A 437 3.29 -0.04 30.88
CA THR A 437 3.82 -1.38 30.60
C THR A 437 2.65 -2.34 30.54
N LEU A 438 2.43 -2.93 29.36
CA LEU A 438 1.38 -3.95 29.15
C LEU A 438 2.06 -5.32 29.24
N ASN A 439 1.42 -6.22 29.95
CA ASN A 439 1.98 -7.56 30.18
C ASN A 439 1.04 -8.55 29.51
N LEU A 440 1.45 -9.15 28.43
CA LEU A 440 0.56 -10.03 27.62
C LEU A 440 0.60 -11.43 28.28
N GLN A 441 -0.49 -11.85 28.90
CA GLN A 441 -0.52 -13.18 29.54
C GLN A 441 -1.32 -14.12 28.66
N LEU A 442 -0.79 -14.49 27.53
CA LEU A 442 -1.58 -15.27 26.54
C LEU A 442 -0.64 -16.16 25.71
N GLY A 443 -1.19 -17.02 24.86
CA GLY A 443 -0.38 -18.04 24.14
C GLY A 443 -0.62 -18.07 22.64
N HIS A 444 -0.85 -16.90 22.01
CA HIS A 444 -1.27 -16.69 20.60
C HIS A 444 -0.21 -17.09 19.58
N ASN A 445 -0.64 -17.64 18.45
CA ASN A 445 0.27 -17.95 17.31
C ASN A 445 0.23 -16.79 16.30
N TYR A 446 1.23 -15.89 16.36
CA TYR A 446 1.33 -14.69 15.49
C TYR A 446 1.59 -15.11 14.02
N ASP A 447 1.99 -16.35 13.83
CA ASP A 447 2.25 -16.85 12.45
C ASP A 447 0.92 -17.06 11.74
N ARG A 448 -0.14 -17.27 12.48
CA ARG A 448 -1.46 -17.50 11.84
C ARG A 448 -2.11 -16.15 11.60
N MSE A 449 -2.11 -15.29 12.62
CA MSE A 449 -2.71 -13.95 12.47
C MSE A 449 -2.20 -13.03 13.57
O MSE A 449 -1.81 -13.51 14.61
CB MSE A 449 -4.25 -13.98 12.49
CG MSE A 449 -4.83 -15.10 13.31
SE MSE A 449 -6.62 -14.88 14.00
CE MSE A 449 -6.17 -13.59 15.41
N PRO A 450 -2.25 -11.71 13.35
CA PRO A 450 -1.93 -10.73 14.38
C PRO A 450 -3.12 -10.61 15.35
N LEU A 451 -2.90 -9.93 16.47
CA LEU A 451 -3.99 -9.74 17.45
C LEU A 451 -4.09 -8.27 17.78
N VAL A 452 -5.22 -7.85 18.31
CA VAL A 452 -5.46 -6.41 18.57
C VAL A 452 -5.74 -6.29 20.07
N ILE A 453 -5.01 -5.40 20.69
CA ILE A 453 -5.30 -4.97 22.09
C ILE A 453 -5.92 -3.58 21.99
N GLU A 454 -7.13 -3.41 22.50
CA GLU A 454 -7.80 -2.09 22.57
C GLU A 454 -7.46 -1.44 23.92
N LEU A 455 -6.87 -0.25 23.85
CA LEU A 455 -6.49 0.50 25.06
C LEU A 455 -7.43 1.70 25.08
N GLU A 456 -8.21 1.94 26.02
CA GLU A 456 -9.07 3.07 26.27
C GLU A 456 -8.39 4.01 27.26
N TYR A 457 -8.23 5.21 26.82
CA TYR A 457 -7.59 6.24 27.60
C TYR A 457 -8.57 7.28 28.16
N ASP A 458 -8.20 7.89 29.27
CA ASP A 458 -9.03 8.91 29.96
C ASP A 458 -8.63 10.29 29.44
N GLY A 459 -9.61 11.08 29.00
CA GLY A 459 -9.43 12.50 28.65
C GLY A 459 -9.00 12.61 27.20
N GLU A 460 -8.86 13.85 26.72
CA GLU A 460 -8.31 14.15 25.38
C GLU A 460 -6.87 13.58 25.31
N LEU A 461 -6.51 12.98 24.19
CA LEU A 461 -5.21 12.29 24.08
C LEU A 461 -4.11 13.32 24.30
N ASP A 462 -3.14 12.98 25.11
CA ASP A 462 -2.03 13.87 25.51
C ASP A 462 -0.71 13.10 25.31
N ILE A 463 0.04 13.43 24.27
CA ILE A 463 1.29 12.75 23.94
C ILE A 463 2.50 13.67 24.05
N ASN A 464 3.57 13.13 24.58
CA ASN A 464 4.85 13.79 24.63
C ASN A 464 5.80 12.99 23.78
N PRO A 465 6.37 13.60 22.79
CA PRO A 465 7.28 12.96 21.86
C PRO A 465 8.63 12.70 22.48
N ILE A 466 8.68 11.66 23.24
CA ILE A 466 9.94 11.28 23.93
C ILE A 466 10.38 9.99 23.26
N VAL A 467 11.67 9.79 23.19
CA VAL A 467 12.21 8.47 22.83
C VAL A 467 12.91 7.96 24.08
N HIS A 468 12.57 6.77 24.52
CA HIS A 468 12.97 6.29 25.87
C HIS A 468 13.36 4.81 25.79
N GLN A 469 14.48 4.51 26.45
CA GLN A 469 14.97 3.15 26.71
C GLN A 469 13.83 2.36 27.40
N ASP A 470 13.59 1.12 27.01
CA ASP A 470 12.39 0.40 27.50
C ASP A 470 12.80 -0.58 28.62
N ARG A 471 11.84 -1.41 29.02
CA ARG A 471 11.93 -2.38 30.14
C ARG A 471 13.11 -3.33 29.90
N LEU A 472 13.44 -3.60 28.64
CA LEU A 472 14.45 -4.60 28.22
C LEU A 472 15.75 -3.90 27.81
N ALA A 473 15.93 -2.67 28.23
CA ALA A 473 17.15 -1.84 28.04
C ALA A 473 17.37 -1.57 26.55
N LYS A 474 16.30 -1.49 25.74
CA LYS A 474 16.40 -1.19 24.30
C LYS A 474 15.89 0.20 23.98
N VAL A 475 16.48 0.79 22.96
CA VAL A 475 16.03 2.07 22.36
C VAL A 475 15.79 1.83 20.87
N ARG A 476 14.56 2.12 20.43
CA ARG A 476 14.20 2.07 19.02
C ARG A 476 14.25 3.48 18.44
N LEU A 477 15.10 3.72 17.46
CA LEU A 477 15.10 5.02 16.72
C LEU A 477 14.53 4.81 15.33
N ASP A 478 13.41 5.44 14.97
CA ASP A 478 12.74 5.11 13.69
C ASP A 478 12.43 6.40 12.92
N THR A 479 11.76 6.24 11.79
CA THR A 479 11.44 7.35 10.87
C THR A 479 10.36 8.25 11.48
N LEU A 480 9.56 7.76 12.44
CA LEU A 480 8.47 8.55 13.06
C LEU A 480 9.05 9.36 14.25
N ASN A 481 9.98 8.82 15.02
CA ASN A 481 10.45 9.49 16.25
C ASN A 481 11.72 10.34 16.05
N ILE A 482 12.24 10.41 14.84
CA ILE A 482 13.45 11.20 14.47
C ILE A 482 13.27 12.67 14.91
N ALA A 483 14.32 13.29 15.45
CA ALA A 483 14.31 14.71 15.92
C ALA A 483 14.58 15.67 14.74
N HIS A 484 15.53 15.37 13.88
CA HIS A 484 15.96 16.28 12.78
C HIS A 484 16.59 15.43 11.70
N PHE A 485 16.37 15.81 10.46
CA PHE A 485 17.05 15.21 9.29
C PHE A 485 17.25 16.29 8.21
N ASP A 486 18.38 16.18 7.53
CA ASP A 486 18.79 17.11 6.46
C ASP A 486 19.36 16.24 5.36
N PRO A 487 18.57 15.97 4.30
CA PRO A 487 19.01 15.11 3.20
C PRO A 487 20.15 15.73 2.39
N GLU A 488 20.32 17.04 2.48
CA GLU A 488 21.41 17.76 1.77
C GLU A 488 22.72 17.51 2.52
N LYS A 489 22.74 17.67 3.84
CA LYS A 489 23.96 17.50 4.68
C LYS A 489 24.15 16.01 5.07
N LEU A 490 23.14 15.17 4.78
CA LEU A 490 23.15 13.71 5.14
C LEU A 490 23.40 13.62 6.64
N THR A 491 22.56 14.29 7.40
CA THR A 491 22.56 14.18 8.87
C THR A 491 21.17 13.79 9.36
N TYR A 492 21.13 12.88 10.34
CA TYR A 492 19.91 12.29 10.93
C TYR A 492 20.14 12.17 12.44
N ARG A 493 19.30 12.81 13.24
CA ARG A 493 19.49 12.96 14.68
C ARG A 493 18.26 12.51 15.44
N TRP A 494 18.54 11.77 16.50
CA TRP A 494 17.57 11.39 17.53
C TRP A 494 18.12 11.80 18.89
N THR A 495 17.21 12.17 19.77
CA THR A 495 17.45 12.46 21.18
C THR A 495 16.61 11.48 21.98
N PHE A 496 17.20 10.87 22.98
CA PHE A 496 16.51 9.81 23.75
C PHE A 496 17.03 9.76 25.18
N GLN A 497 16.21 9.12 26.00
CA GLN A 497 16.45 8.98 27.45
C GLN A 497 16.97 7.57 27.73
N ILE A 498 18.10 7.47 28.44
CA ILE A 498 18.67 6.22 29.00
C ILE A 498 18.36 6.21 30.49
N GLN A 499 17.69 5.17 30.98
CA GLN A 499 17.46 4.95 32.43
C GLN A 499 18.51 3.95 32.93
N SER A 500 19.08 3.08 32.09
CA SER A 500 19.99 1.99 32.56
C SER A 500 21.32 2.14 31.86
N PRO A 501 22.36 2.62 32.54
CA PRO A 501 23.64 2.87 31.89
C PRO A 501 24.35 1.55 31.52
N GLY A 502 25.31 1.67 30.61
CA GLY A 502 26.18 0.60 30.13
C GLY A 502 26.63 0.78 28.70
N ARG A 503 27.17 -0.29 28.18
CA ARG A 503 27.67 -0.41 26.83
C ARG A 503 26.63 -1.24 26.06
N PHE A 504 26.10 -0.65 25.00
CA PHE A 504 24.98 -1.26 24.24
C PHE A 504 25.36 -1.34 22.77
N ALA A 505 24.92 -2.41 22.11
CA ALA A 505 25.15 -2.60 20.68
C ALA A 505 24.22 -1.68 19.90
N LEU A 506 24.71 -1.16 18.78
CA LEU A 506 23.93 -0.31 17.85
C LEU A 506 23.81 -1.03 16.53
N ASP A 507 22.59 -1.28 16.10
CA ASP A 507 22.29 -1.97 14.84
C ASP A 507 21.46 -1.07 13.97
N LEU A 508 21.81 -1.06 12.69
CA LEU A 508 20.95 -0.48 11.62
C LEU A 508 20.06 -1.62 11.05
N VAL A 509 18.77 -1.40 11.04
CA VAL A 509 17.83 -2.34 10.37
C VAL A 509 17.32 -1.63 9.13
N SER A 510 17.74 -2.12 7.96
CA SER A 510 17.42 -1.54 6.63
C SER A 510 16.72 -2.57 5.76
N LEU A 511 16.05 -2.15 4.69
CA LEU A 511 15.21 -3.07 3.92
C LEU A 511 15.89 -3.56 2.66
N GLU A 512 15.58 -4.80 2.29
CA GLU A 512 15.79 -5.24 0.90
C GLU A 512 14.96 -4.33 -0.03
N THR A 513 15.36 -4.27 -1.29
CA THR A 513 14.75 -3.51 -2.39
C THR A 513 14.67 -4.44 -3.61
N MSE A 514 14.51 -3.84 -4.79
CA MSE A 514 14.52 -4.52 -6.08
C MSE A 514 13.24 -5.34 -6.23
O MSE A 514 12.27 -5.16 -5.48
CB MSE A 514 15.77 -5.39 -6.29
CG MSE A 514 17.07 -4.72 -5.93
SE MSE A 514 17.19 -3.03 -7.01
CE MSE A 514 17.76 -3.75 -8.78
N HIS A 515 13.16 -6.11 -7.32
CA HIS A 515 11.87 -6.62 -7.76
C HIS A 515 11.33 -7.67 -6.77
N HIS A 516 10.01 -7.75 -6.58
CA HIS A 516 9.37 -8.69 -5.61
C HIS A 516 9.69 -10.16 -5.95
N LYS A 517 9.98 -10.54 -7.19
CA LYS A 517 10.38 -11.94 -7.46
C LYS A 517 11.85 -12.21 -7.19
N ASP A 518 12.64 -11.19 -6.84
CA ASP A 518 14.10 -11.37 -6.57
C ASP A 518 14.57 -10.24 -5.64
N PRO A 519 14.03 -10.15 -4.42
CA PRO A 519 14.42 -9.09 -3.48
C PRO A 519 15.90 -9.18 -3.09
N GLN A 520 16.56 -8.04 -2.91
CA GLN A 520 18.03 -8.00 -2.67
C GLN A 520 18.37 -6.86 -1.73
N TRP A 521 19.42 -7.02 -0.94
CA TRP A 521 19.91 -5.90 -0.13
C TRP A 521 21.14 -5.37 -0.84
N VAL A 522 21.15 -4.09 -1.12
CA VAL A 522 22.10 -3.49 -2.09
C VAL A 522 23.16 -2.64 -1.40
N HIS A 523 23.23 -2.67 -0.07
CA HIS A 523 24.05 -1.69 0.68
C HIS A 523 25.36 -2.25 1.23
N ASN A 524 25.79 -3.44 0.84
CA ASN A 524 27.11 -3.93 1.34
C ASN A 524 28.23 -2.89 1.15
N GLY A 525 29.07 -2.68 2.16
CA GLY A 525 30.34 -1.94 2.03
C GLY A 525 30.16 -0.45 2.16
N LYS A 526 28.92 0.04 2.28
CA LYS A 526 28.72 1.51 2.35
C LYS A 526 29.24 1.98 3.71
N THR A 527 29.88 3.14 3.72
CA THR A 527 30.45 3.74 4.96
C THR A 527 29.63 4.92 5.43
N GLY A 528 29.50 5.05 6.74
CA GLY A 528 28.94 6.27 7.34
C GLY A 528 29.49 6.46 8.71
N ARG A 529 28.91 7.41 9.44
CA ARG A 529 29.42 7.77 10.78
C ARG A 529 28.29 7.77 11.78
N ILE A 530 28.65 7.44 13.01
CA ILE A 530 27.77 7.67 14.19
C ILE A 530 28.49 8.66 15.12
N SER A 531 27.77 9.62 15.68
CA SER A 531 28.25 10.44 16.82
C SER A 531 27.22 10.42 17.91
N CYS A 532 27.66 10.13 19.12
CA CYS A 532 26.75 10.08 20.28
C CYS A 532 27.56 10.09 21.59
N GLY A 533 27.09 10.82 22.60
CA GLY A 533 27.66 10.72 23.97
C GLY A 533 29.17 10.92 23.96
N GLY A 534 29.66 11.79 23.07
CA GLY A 534 31.09 12.17 22.95
C GLY A 534 31.92 11.16 22.16
N GLN A 535 31.31 10.14 21.54
CA GLN A 535 31.97 9.04 20.78
C GLN A 535 31.67 9.27 19.30
N SER A 536 32.60 9.00 18.41
CA SER A 536 32.39 9.22 16.96
C SER A 536 33.24 8.25 16.18
N TRP A 537 32.66 7.52 15.22
CA TRP A 537 33.41 6.52 14.44
C TRP A 537 32.72 6.27 13.08
N GLU A 538 33.49 5.69 12.19
CA GLU A 538 33.03 5.25 10.86
C GLU A 538 32.65 3.78 10.95
N PHE A 539 31.54 3.41 10.34
CA PHE A 539 31.14 1.99 10.18
C PHE A 539 31.17 1.66 8.70
N GLU A 540 31.14 0.37 8.41
CA GLU A 540 30.97 -0.18 7.06
C GLU A 540 29.83 -1.18 7.12
N LEU A 541 28.80 -1.03 6.30
CA LEU A 541 27.59 -1.88 6.45
C LEU A 541 27.92 -3.29 6.00
N ASN A 542 27.42 -4.26 6.76
CA ASN A 542 27.58 -5.68 6.40
C ASN A 542 26.23 -6.35 6.64
N LEU A 543 25.97 -7.43 5.92
CA LEU A 543 24.72 -8.22 6.12
C LEU A 543 24.95 -9.18 7.30
N ASP A 544 24.66 -8.72 8.50
CA ASP A 544 24.97 -9.45 9.77
C ASP A 544 23.83 -10.42 10.12
N LYS A 545 22.60 -10.11 9.72
CA LYS A 545 21.39 -10.91 10.08
C LYS A 545 20.26 -10.55 9.12
N THR A 546 19.41 -11.51 8.74
CA THR A 546 18.15 -11.25 8.02
C THR A 546 16.98 -11.60 8.93
N ASP A 547 15.86 -10.91 8.73
CA ASP A 547 14.64 -11.24 9.51
C ASP A 547 13.46 -10.85 8.63
N THR A 548 12.33 -11.51 8.81
CA THR A 548 11.11 -11.05 8.14
C THR A 548 10.77 -9.66 8.67
N ASN A 549 10.21 -8.86 7.79
CA ASN A 549 9.61 -7.57 8.13
C ASN A 549 8.11 -7.79 8.05
N ASP A 550 7.39 -7.57 9.15
CA ASP A 550 5.99 -8.05 9.23
C ASP A 550 5.10 -7.32 8.20
N ALA A 551 5.45 -6.10 7.83
CA ALA A 551 4.62 -5.25 6.95
C ALA A 551 5.01 -5.41 5.47
N GLN A 552 6.11 -6.06 5.16
CA GLN A 552 6.60 -6.19 3.76
C GLN A 552 6.49 -7.62 3.27
N VAL A 553 5.97 -7.86 2.06
CA VAL A 553 6.31 -9.15 1.42
C VAL A 553 6.68 -8.90 -0.02
N PRO A 554 7.81 -9.46 -0.43
CA PRO A 554 8.64 -10.34 0.40
C PRO A 554 9.93 -9.72 0.93
N TRP A 555 10.01 -8.40 0.92
CA TRP A 555 11.32 -7.72 1.26
C TRP A 555 11.62 -7.87 2.77
N LYS A 556 12.84 -8.26 3.09
CA LYS A 556 13.24 -8.55 4.48
C LYS A 556 13.98 -7.38 5.14
N ASN A 557 14.05 -7.43 6.47
CA ASN A 557 14.96 -6.61 7.28
C ASN A 557 16.36 -7.20 7.23
N ILE A 558 17.32 -6.34 7.01
CA ILE A 558 18.75 -6.68 7.11
C ILE A 558 19.26 -5.90 8.33
N HIS A 559 19.90 -6.59 9.24
CA HIS A 559 20.55 -5.98 10.42
C HIS A 559 22.05 -5.83 10.13
N SER A 560 22.57 -4.62 10.36
CA SER A 560 24.00 -4.33 10.28
C SER A 560 24.46 -3.79 11.65
N ARG A 561 25.35 -4.48 12.31
CA ARG A 561 25.84 -4.01 13.62
C ARG A 561 26.81 -2.87 13.31
N LEU A 562 26.51 -1.67 13.76
CA LEU A 562 27.39 -0.50 13.45
C LEU A 562 28.53 -0.39 14.46
N GLY A 563 28.30 -0.77 15.71
CA GLY A 563 29.29 -0.62 16.79
C GLY A 563 28.62 -0.60 18.15
N GLU A 564 29.33 -0.01 19.15
CA GLU A 564 28.89 -0.01 20.55
C GLU A 564 28.94 1.42 21.05
N LEU A 565 27.95 1.82 21.83
CA LEU A 565 27.92 3.11 22.54
C LEU A 565 27.92 2.86 24.04
N HIS A 566 28.66 3.72 24.70
CA HIS A 566 28.77 3.72 26.17
C HIS A 566 27.95 4.85 26.72
N PHE A 567 26.98 4.51 27.56
CA PHE A 567 26.17 5.47 28.35
C PHE A 567 26.55 5.31 29.81
N PRO A 568 27.51 6.15 30.28
CA PRO A 568 28.08 5.99 31.62
C PRO A 568 27.07 6.35 32.72
N GLN A 569 26.05 7.17 32.43
CA GLN A 569 24.97 7.36 33.40
C GLN A 569 23.62 7.55 32.73
N ALA A 570 22.59 7.49 33.55
CA ALA A 570 21.19 7.77 33.14
C ALA A 570 21.11 9.23 32.67
N GLY A 571 20.31 9.53 31.63
CA GLY A 571 20.09 10.91 31.17
C GLY A 571 19.81 10.94 29.69
N GLU A 572 19.87 12.12 29.13
CA GLU A 572 19.47 12.38 27.72
C GLU A 572 20.71 12.30 26.84
N TYR A 573 20.61 11.59 25.73
CA TYR A 573 21.70 11.56 24.74
C TYR A 573 21.17 11.92 23.35
N THR A 574 22.06 12.37 22.48
CA THR A 574 21.70 12.65 21.07
C THR A 574 22.62 11.85 20.19
N LEU A 575 22.05 11.14 19.22
CA LEU A 575 22.82 10.32 18.27
C LEU A 575 22.60 10.93 16.90
N GLU A 576 23.68 11.14 16.17
CA GLU A 576 23.66 11.60 14.77
C GLU A 576 24.24 10.54 13.86
N PHE A 577 23.45 10.11 12.88
CA PHE A 577 23.88 9.22 11.78
C PHE A 577 24.22 10.17 10.63
N SER A 578 25.37 10.02 9.98
CA SER A 578 25.82 10.98 8.96
C SER A 578 26.61 10.29 7.86
N GLU A 579 26.73 10.98 6.71
CA GLU A 579 27.63 10.67 5.58
C GLU A 579 27.00 9.61 4.68
N LEU A 580 25.79 9.14 5.02
CA LEU A 580 25.05 8.17 4.18
C LEU A 580 23.59 8.56 4.16
N PRO A 581 22.90 8.50 3.01
CA PRO A 581 21.54 8.99 2.96
C PRO A 581 20.61 7.93 3.55
N LEU A 582 19.59 8.37 4.26
CA LEU A 582 18.52 7.49 4.77
C LEU A 582 17.22 8.02 4.23
N ALA A 583 16.34 7.11 3.81
CA ALA A 583 14.98 7.40 3.35
C ALA A 583 14.10 7.52 4.60
N ILE A 584 13.62 8.73 4.89
CA ILE A 584 12.82 8.98 6.11
C ILE A 584 11.37 9.18 5.73
N ASP A 585 11.09 10.11 4.81
CA ASP A 585 9.68 10.52 4.55
C ASP A 585 9.20 9.98 3.19
N GLN A 586 10.08 9.37 2.43
CA GLN A 586 9.72 8.79 1.12
C GLN A 586 10.85 7.82 0.75
N SER A 587 10.50 6.76 0.02
CA SER A 587 11.46 5.66 -0.27
C SER A 587 11.31 5.24 -1.72
N GLU A 588 12.37 4.66 -2.26
CA GLU A 588 12.38 4.11 -3.62
C GLU A 588 12.48 2.59 -3.52
N LYS A 589 11.87 1.91 -4.45
CA LYS A 589 11.87 0.45 -4.53
C LYS A 589 13.14 -0.03 -5.28
N TYR A 590 13.62 0.74 -6.25
CA TYR A 590 14.74 0.28 -7.10
C TYR A 590 16.02 1.12 -7.01
N GLY A 591 15.95 2.43 -6.93
CA GLY A 591 17.14 3.28 -6.85
C GLY A 591 17.86 2.99 -5.56
N GLN A 592 19.19 3.08 -5.59
CA GLN A 592 20.09 2.54 -4.53
C GLN A 592 20.87 3.61 -3.77
N ASP A 593 20.59 4.89 -3.93
CA ASP A 593 21.37 5.95 -3.23
C ASP A 593 20.90 6.04 -1.78
N TYR A 594 19.62 5.96 -1.54
CA TYR A 594 19.10 6.08 -0.15
C TYR A 594 18.90 4.70 0.50
N ILE A 595 19.32 4.57 1.74
CA ILE A 595 19.05 3.35 2.56
C ILE A 595 17.65 3.46 3.14
N ASN A 596 16.82 2.45 2.88
CA ASN A 596 15.44 2.42 3.44
C ASN A 596 15.51 2.01 4.91
N LEU A 597 15.50 3.00 5.82
CA LEU A 597 15.55 2.76 7.28
C LEU A 597 14.25 2.11 7.78
N GLU A 598 14.38 1.01 8.52
CA GLU A 598 13.26 0.51 9.34
C GLU A 598 13.46 1.07 10.74
N TYR A 599 14.62 0.83 11.33
CA TYR A 599 14.96 1.48 12.61
C TYR A 599 16.43 1.25 12.93
N LEU A 600 16.92 2.04 13.86
CA LEU A 600 18.25 1.83 14.50
C LEU A 600 17.91 1.32 15.87
N GLN A 601 18.62 0.31 16.36
CA GLN A 601 18.33 -0.21 17.71
C GLN A 601 19.57 -0.11 18.58
N LEU A 602 19.43 0.38 19.79
CA LEU A 602 20.44 0.21 20.84
C LEU A 602 19.88 -0.86 21.76
N GLY A 603 20.73 -1.77 22.23
CA GLY A 603 20.28 -2.74 23.22
C GLY A 603 21.40 -3.63 23.73
N PRO A 604 21.04 -4.54 24.63
CA PRO A 604 22.00 -5.45 25.24
C PRO A 604 22.74 -6.21 24.14
N ARG A 605 24.07 -6.22 24.29
CA ARG A 605 25.00 -6.64 23.22
C ARG A 605 24.94 -8.15 23.07
N LEU A 606 24.30 -8.91 23.98
CA LEU A 606 24.06 -10.36 23.76
C LEU A 606 22.57 -10.70 23.66
N ALA A 607 21.65 -9.75 23.49
CA ALA A 607 20.19 -10.01 23.36
C ALA A 607 19.88 -10.86 22.10
C1 GOL B . 0.86 -3.17 -12.81
O1 GOL B . 1.78 -2.11 -13.09
C2 GOL B . -0.46 -3.01 -13.55
O2 GOL B . -0.23 -2.92 -14.96
C3 GOL B . -1.22 -1.83 -13.03
O3 GOL B . -2.58 -1.81 -13.52
C1 GOL C . 5.30 2.39 -9.33
O1 GOL C . 3.97 2.50 -8.99
C2 GOL C . 6.02 2.09 -8.08
O2 GOL C . 5.46 1.05 -7.36
C3 GOL C . 6.10 3.37 -7.31
O3 GOL C . 7.05 3.18 -6.27
C1 GOL D . 1.62 0.52 1.07
O1 GOL D . 2.65 1.42 1.51
C2 GOL D . 1.90 -0.10 -0.29
O2 GOL D . 1.47 0.81 -1.34
C3 GOL D . 1.19 -1.43 -0.47
O3 GOL D . 1.54 -2.46 0.48
P PO4 E . 6.62 -1.41 -10.06
O1 PO4 E . 7.73 -2.31 -10.51
O2 PO4 E . 6.66 -0.08 -10.79
O3 PO4 E . 6.76 -1.06 -8.59
O4 PO4 E . 5.25 -2.08 -10.26
#